data_2Z1A
#
_entry.id   2Z1A
#
_cell.length_a   55.426
_cell.length_b   57.832
_cell.length_c   81.960
_cell.angle_alpha   90.00
_cell.angle_beta   105.95
_cell.angle_gamma   90.00
#
_symmetry.space_group_name_H-M   'P 1 21 1'
#
loop_
_entity.id
_entity.type
_entity.pdbx_description
1 polymer "5'-nucleotidase"
2 non-polymer 'PHOSPHATE ION'
3 non-polymer 'ZINC ION'
4 non-polymer THYMIDINE
5 water water
#
_entity_poly.entity_id   1
_entity_poly.type   'polypeptide(L)'
_entity_poly.pdbx_seq_one_letter_code
;MKRREVLQAGMALGGLAGLGRALAQGGFTLTLVHTNDTHAHLEPVELTLSGEKTPVGGVARRVALFDRVWARAKNPLFLD
AGDVFQGTLYFNQYRGLADRYFMHRLRYRAMALGNHEFDLGPGPLADFLKGARFKVVSANVDASREPRLKGLFAPYAVVV
VGGERVGIIGLTTPDTREISNPGPTVAFLDPYESAQKAVYELLAKGVNKIVVLSHLGYGEDLKLARRLVGVQVIVGGHSH
TLLGSFPHKELSPAGPYPTVVKNPEGKDVLVVQAWEWGKVVGLLEVTFDAKGELLAYKGEALLMTPEAAPEDFFAKEALL
AYAQPVMALMQQVIAEAKVDLVGERAVVRRRESNLGNLITDGMLWKTRNAGTQIALQNGGGIRASIPKGPITVGKVYEVL
PFGNTLVVMDLKGKEILAALENGVSQWENTAGRFLQVSGLRYAFDLSRPAGSRVVRVEVKTEKGYVPLDLEATYRVVVNN
FIANGGDGFTVLKEAQGYRVDTGFSDAESFMDYLKELKVVEAGLEGRIEVLNEPKGERPAYFAYRVPGLVGV
;
_entity_poly.pdbx_strand_id   A
#
# COMPACT_ATOMS: atom_id res chain seq x y z
N PHE A 28 -15.32 -31.09 -1.67
CA PHE A 28 -13.89 -30.71 -1.86
C PHE A 28 -13.48 -29.61 -0.89
N THR A 29 -12.39 -29.83 -0.16
CA THR A 29 -11.90 -28.87 0.80
C THR A 29 -10.63 -28.20 0.29
N LEU A 30 -10.62 -26.87 0.33
CA LEU A 30 -9.49 -26.08 -0.15
C LEU A 30 -9.04 -25.14 0.96
N THR A 31 -7.74 -25.07 1.22
CA THR A 31 -7.24 -24.18 2.25
C THR A 31 -6.45 -23.03 1.61
N LEU A 32 -7.08 -21.87 1.53
CA LEU A 32 -6.47 -20.69 0.95
C LEU A 32 -5.56 -20.03 1.99
N VAL A 33 -4.28 -19.90 1.67
CA VAL A 33 -3.29 -19.30 2.55
C VAL A 33 -2.81 -18.08 1.80
N HIS A 34 -2.98 -16.90 2.37
CA HIS A 34 -2.64 -15.68 1.64
C HIS A 34 -1.99 -14.50 2.36
N THR A 35 -1.35 -13.67 1.55
CA THR A 35 -0.70 -12.45 2.01
C THR A 35 -1.05 -11.35 1.01
N ASN A 36 -0.82 -10.11 1.41
CA ASN A 36 -1.07 -8.96 0.54
C ASN A 36 -0.27 -7.79 1.08
N ASP A 37 0.13 -6.92 0.16
CA ASP A 37 0.86 -5.72 0.54
C ASP A 37 2.08 -5.97 1.41
N THR A 38 2.91 -6.92 0.99
CA THR A 38 4.13 -7.24 1.72
C THR A 38 5.09 -6.06 1.60
N HIS A 39 4.96 -5.31 0.51
CA HIS A 39 5.78 -4.12 0.28
C HIS A 39 7.25 -4.24 0.64
N ALA A 40 7.90 -5.28 0.12
CA ALA A 40 9.33 -5.50 0.33
C ALA A 40 9.78 -5.63 1.78
N HIS A 41 8.84 -5.88 2.69
CA HIS A 41 9.21 -6.05 4.09
C HIS A 41 9.56 -7.52 4.31
N LEU A 42 10.83 -7.84 4.09
CA LEU A 42 11.32 -9.20 4.21
C LEU A 42 11.79 -9.51 5.64
N GLU A 43 12.25 -8.49 6.34
CA GLU A 43 12.70 -8.64 7.72
C GLU A 43 11.47 -8.49 8.62
N PRO A 44 11.53 -9.04 9.83
CA PRO A 44 10.37 -8.90 10.72
C PRO A 44 10.37 -7.45 11.23
N VAL A 45 9.23 -7.00 11.74
CA VAL A 45 9.15 -5.65 12.30
C VAL A 45 8.96 -5.88 13.79
N GLU A 46 8.94 -4.80 14.57
CA GLU A 46 8.75 -4.95 16.01
C GLU A 46 7.53 -4.21 16.51
N LEU A 47 6.67 -4.92 17.23
CA LEU A 47 5.45 -4.34 17.77
C LEU A 47 5.32 -4.82 19.22
N THR A 48 4.60 -4.04 20.04
CA THR A 48 4.39 -4.41 21.43
C THR A 48 3.11 -5.23 21.52
N LEU A 49 3.23 -6.51 21.84
CA LEU A 49 2.07 -7.38 21.94
C LEU A 49 1.95 -7.99 23.34
N SER A 50 0.85 -7.67 24.02
CA SER A 50 0.60 -8.15 25.37
C SER A 50 1.65 -7.66 26.34
N GLY A 51 2.01 -6.38 26.22
CA GLY A 51 2.99 -5.79 27.11
C GLY A 51 4.45 -6.16 26.90
N GLU A 52 4.84 -6.50 25.68
CA GLU A 52 6.23 -6.83 25.42
C GLU A 52 6.61 -6.79 23.95
N LYS A 53 7.65 -6.03 23.64
CA LYS A 53 8.15 -5.88 22.28
C LYS A 53 8.31 -7.25 21.66
N THR A 54 7.61 -7.48 20.55
CA THR A 54 7.64 -8.76 19.88
C THR A 54 7.92 -8.63 18.39
N PRO A 55 8.72 -9.56 17.84
CA PRO A 55 9.03 -9.51 16.41
C PRO A 55 7.81 -10.02 15.66
N VAL A 56 7.39 -9.29 14.63
CA VAL A 56 6.22 -9.70 13.86
C VAL A 56 6.51 -9.69 12.36
N GLY A 57 6.14 -10.78 11.69
CA GLY A 57 6.37 -10.87 10.26
C GLY A 57 7.71 -11.46 9.88
N GLY A 58 8.13 -11.20 8.64
CA GLY A 58 9.39 -11.73 8.15
C GLY A 58 9.16 -12.93 7.25
N VAL A 59 9.93 -13.04 6.17
CA VAL A 59 9.79 -14.16 5.25
C VAL A 59 10.36 -15.43 5.86
N ALA A 60 11.39 -15.30 6.67
CA ALA A 60 12.01 -16.46 7.31
C ALA A 60 10.96 -17.20 8.13
N ARG A 61 10.15 -16.45 8.88
CA ARG A 61 9.11 -17.07 9.69
C ARG A 61 8.00 -17.60 8.79
N ARG A 62 7.71 -16.90 7.69
CA ARG A 62 6.66 -17.35 6.77
C ARG A 62 7.07 -18.67 6.11
N VAL A 63 8.36 -18.84 5.84
CA VAL A 63 8.82 -20.08 5.22
C VAL A 63 8.59 -21.26 6.15
N ALA A 64 8.86 -21.07 7.44
CA ALA A 64 8.64 -22.14 8.42
C ALA A 64 7.15 -22.48 8.50
N LEU A 65 6.31 -21.44 8.60
CA LEU A 65 4.86 -21.65 8.69
C LEU A 65 4.31 -22.34 7.44
N PHE A 66 4.62 -21.80 6.26
CA PHE A 66 4.15 -22.37 5.01
C PHE A 66 4.63 -23.81 4.82
N ASP A 67 5.84 -24.12 5.27
CA ASP A 67 6.35 -25.48 5.14
C ASP A 67 5.47 -26.44 5.95
N ARG A 68 5.05 -26.01 7.13
CA ARG A 68 4.20 -26.84 7.97
C ARG A 68 2.79 -26.97 7.37
N VAL A 69 2.28 -25.87 6.82
CA VAL A 69 0.96 -25.88 6.21
C VAL A 69 1.00 -26.78 4.98
N TRP A 70 2.09 -26.68 4.23
CA TRP A 70 2.28 -27.49 3.03
C TRP A 70 2.24 -28.99 3.31
N ALA A 71 2.82 -29.41 4.43
CA ALA A 71 2.86 -30.83 4.76
C ALA A 71 1.75 -31.31 5.69
N ARG A 72 0.93 -30.39 6.18
CA ARG A 72 -0.15 -30.77 7.10
C ARG A 72 -1.56 -30.42 6.64
N ALA A 73 -1.75 -29.18 6.23
CA ALA A 73 -3.06 -28.70 5.79
C ALA A 73 -3.71 -29.45 4.63
N LYS A 74 -5.02 -29.36 4.56
CA LYS A 74 -5.77 -30.03 3.50
C LYS A 74 -5.83 -29.15 2.25
N ASN A 75 -5.23 -29.64 1.17
CA ASN A 75 -5.20 -28.94 -0.11
C ASN A 75 -4.85 -27.46 -0.01
N PRO A 76 -3.63 -27.14 0.44
CA PRO A 76 -3.27 -25.72 0.54
C PRO A 76 -2.99 -25.06 -0.81
N LEU A 77 -3.38 -23.79 -0.92
CA LEU A 77 -3.16 -22.99 -2.12
C LEU A 77 -2.68 -21.63 -1.65
N PHE A 78 -1.41 -21.33 -1.91
CA PHE A 78 -0.78 -20.08 -1.49
C PHE A 78 -0.98 -18.97 -2.50
N LEU A 79 -1.52 -17.83 -2.04
CA LEU A 79 -1.79 -16.70 -2.92
C LEU A 79 -1.34 -15.36 -2.34
N ASP A 80 -1.04 -14.40 -3.21
CA ASP A 80 -0.65 -13.06 -2.78
C ASP A 80 -1.49 -12.06 -3.58
N ALA A 81 -2.07 -11.09 -2.88
CA ALA A 81 -2.95 -10.10 -3.51
C ALA A 81 -2.29 -8.85 -4.06
N GLY A 82 -0.99 -8.88 -4.30
CA GLY A 82 -0.33 -7.72 -4.87
C GLY A 82 0.42 -6.80 -3.93
N ASP A 83 1.07 -5.80 -4.52
CA ASP A 83 1.88 -4.82 -3.81
C ASP A 83 3.06 -5.45 -3.07
N VAL A 84 3.80 -6.26 -3.81
CA VAL A 84 5.03 -6.88 -3.31
C VAL A 84 6.07 -5.75 -3.43
N PHE A 85 5.93 -4.96 -4.49
CA PHE A 85 6.82 -3.84 -4.80
C PHE A 85 6.74 -2.65 -3.83
N GLN A 86 7.87 -1.95 -3.69
CA GLN A 86 7.97 -0.72 -2.91
C GLN A 86 7.81 -0.73 -1.39
N GLY A 87 8.88 -0.46 -0.66
CA GLY A 87 8.74 -0.42 0.79
C GLY A 87 10.00 -0.42 1.64
N THR A 88 11.08 -1.00 1.15
CA THR A 88 12.33 -1.04 1.90
C THR A 88 13.51 -1.06 0.95
N LEU A 89 14.72 -0.99 1.51
CA LEU A 89 15.93 -1.03 0.72
C LEU A 89 16.03 -2.28 -0.14
N TYR A 90 15.34 -3.35 0.27
CA TYR A 90 15.37 -4.57 -0.53
C TYR A 90 14.75 -4.31 -1.90
N PHE A 91 13.82 -3.37 -1.96
CA PHE A 91 13.22 -3.05 -3.25
C PHE A 91 14.10 -2.08 -4.02
N ASN A 92 14.64 -1.09 -3.32
CA ASN A 92 15.52 -0.13 -3.97
C ASN A 92 16.70 -0.85 -4.61
N GLN A 93 17.16 -1.90 -3.95
CA GLN A 93 18.32 -2.66 -4.44
C GLN A 93 18.01 -3.75 -5.45
N TYR A 94 16.93 -4.50 -5.24
CA TYR A 94 16.60 -5.62 -6.13
C TYR A 94 15.33 -5.49 -6.97
N ARG A 95 14.56 -4.43 -6.77
CA ARG A 95 13.33 -4.18 -7.52
C ARG A 95 12.35 -5.35 -7.60
N GLY A 96 12.15 -6.01 -6.47
CA GLY A 96 11.21 -7.13 -6.41
C GLY A 96 11.82 -8.51 -6.60
N LEU A 97 13.04 -8.59 -7.13
CA LEU A 97 13.67 -9.89 -7.36
C LEU A 97 14.00 -10.64 -6.07
N ALA A 98 14.30 -9.90 -5.00
CA ALA A 98 14.60 -10.54 -3.73
C ALA A 98 13.30 -11.18 -3.22
N ASP A 99 12.21 -10.43 -3.29
CA ASP A 99 10.91 -10.92 -2.86
C ASP A 99 10.50 -12.15 -3.67
N ARG A 100 10.80 -12.12 -4.97
CA ARG A 100 10.45 -13.21 -5.87
C ARG A 100 11.12 -14.52 -5.47
N TYR A 101 12.38 -14.44 -5.06
CA TYR A 101 13.13 -15.61 -4.62
C TYR A 101 12.41 -16.25 -3.45
N PHE A 102 11.96 -15.43 -2.51
CA PHE A 102 11.25 -15.95 -1.35
C PHE A 102 9.86 -16.46 -1.72
N MET A 103 9.20 -15.79 -2.66
CA MET A 103 7.87 -16.23 -3.08
C MET A 103 7.97 -17.62 -3.71
N HIS A 104 9.10 -17.90 -4.36
CA HIS A 104 9.31 -19.21 -4.96
C HIS A 104 9.50 -20.24 -3.86
N ARG A 105 10.29 -19.90 -2.85
CA ARG A 105 10.52 -20.79 -1.72
C ARG A 105 9.24 -21.03 -0.95
N LEU A 106 8.36 -20.03 -0.94
CA LEU A 106 7.09 -20.10 -0.24
C LEU A 106 5.99 -20.85 -1.00
N ARG A 107 6.29 -21.26 -2.23
CA ARG A 107 5.36 -22.01 -3.06
C ARG A 107 4.08 -21.27 -3.47
N TYR A 108 4.15 -19.96 -3.62
CA TYR A 108 2.98 -19.20 -4.06
C TYR A 108 2.57 -19.74 -5.42
N ARG A 109 1.27 -19.87 -5.66
CA ARG A 109 0.78 -20.37 -6.94
C ARG A 109 0.25 -19.26 -7.85
N ALA A 110 -0.17 -18.16 -7.24
CA ALA A 110 -0.68 -17.03 -8.00
C ALA A 110 -0.52 -15.72 -7.26
N MET A 111 -0.36 -14.65 -8.01
CA MET A 111 -0.18 -13.33 -7.45
C MET A 111 -0.95 -12.34 -8.32
N ALA A 112 -1.67 -11.42 -7.69
CA ALA A 112 -2.40 -10.41 -8.44
C ALA A 112 -1.50 -9.18 -8.58
N LEU A 113 -1.69 -8.42 -9.65
CA LEU A 113 -0.89 -7.22 -9.85
C LEU A 113 -1.49 -6.10 -9.01
N GLY A 114 -0.66 -5.46 -8.20
CA GLY A 114 -1.12 -4.36 -7.37
C GLY A 114 -0.69 -3.06 -8.03
N ASN A 115 -1.12 -1.92 -7.48
CA ASN A 115 -0.73 -0.66 -8.10
C ASN A 115 0.77 -0.41 -8.02
N HIS A 116 1.42 -0.81 -6.93
CA HIS A 116 2.85 -0.57 -6.82
C HIS A 116 3.71 -1.37 -7.76
N GLU A 117 3.14 -2.40 -8.37
CA GLU A 117 3.90 -3.20 -9.33
C GLU A 117 4.17 -2.35 -10.56
N PHE A 118 3.52 -1.19 -10.65
CA PHE A 118 3.68 -0.27 -11.79
C PHE A 118 4.50 0.97 -11.45
N ASP A 119 5.02 1.05 -10.23
CA ASP A 119 5.80 2.22 -9.79
C ASP A 119 7.00 2.60 -10.65
N LEU A 120 7.65 1.61 -11.26
CA LEU A 120 8.81 1.88 -12.09
C LEU A 120 8.48 1.73 -13.58
N GLY A 121 7.20 1.67 -13.89
CA GLY A 121 6.80 1.51 -15.28
C GLY A 121 6.84 0.04 -15.68
N PRO A 122 6.48 -0.28 -16.92
CA PRO A 122 6.45 -1.65 -17.46
C PRO A 122 7.79 -2.39 -17.46
N GLY A 123 8.88 -1.64 -17.67
CA GLY A 123 10.20 -2.24 -17.71
C GLY A 123 10.55 -3.17 -16.56
N PRO A 124 10.74 -2.62 -15.36
CA PRO A 124 11.09 -3.44 -14.20
C PRO A 124 10.01 -4.45 -13.84
N LEU A 125 8.76 -4.15 -14.18
CA LEU A 125 7.69 -5.10 -13.90
C LEU A 125 7.94 -6.34 -14.75
N ALA A 126 8.26 -6.13 -16.02
CA ALA A 126 8.53 -7.24 -16.92
C ALA A 126 9.72 -8.06 -16.42
N ASP A 127 10.74 -7.41 -15.87
CA ASP A 127 11.90 -8.13 -15.36
C ASP A 127 11.50 -9.03 -14.20
N PHE A 128 10.57 -8.54 -13.38
CA PHE A 128 10.07 -9.30 -12.25
C PHE A 128 9.22 -10.49 -12.73
N LEU A 129 8.36 -10.23 -13.72
CA LEU A 129 7.49 -11.27 -14.26
C LEU A 129 8.25 -12.32 -15.07
N LYS A 130 9.33 -11.91 -15.72
CA LYS A 130 10.14 -12.83 -16.51
C LYS A 130 10.97 -13.67 -15.55
N GLY A 131 10.47 -14.87 -15.25
CA GLY A 131 11.18 -15.73 -14.33
C GLY A 131 10.33 -16.04 -13.10
N ALA A 132 9.14 -15.45 -13.05
CA ALA A 132 8.23 -15.69 -11.93
C ALA A 132 7.64 -17.08 -12.14
N ARG A 133 7.85 -17.96 -11.17
CA ARG A 133 7.37 -19.33 -11.27
C ARG A 133 6.01 -19.54 -10.61
N PHE A 134 5.22 -18.47 -10.59
CA PHE A 134 3.87 -18.52 -10.05
C PHE A 134 3.05 -17.75 -11.08
N LYS A 135 1.74 -17.97 -11.08
CA LYS A 135 0.86 -17.31 -12.05
C LYS A 135 0.51 -15.89 -11.63
N VAL A 136 0.88 -14.91 -12.46
CA VAL A 136 0.53 -13.53 -12.15
C VAL A 136 -0.73 -13.21 -12.93
N VAL A 137 -1.74 -12.72 -12.22
CA VAL A 137 -3.03 -12.44 -12.83
C VAL A 137 -3.63 -11.06 -12.61
N SER A 138 -4.44 -10.65 -13.58
CA SER A 138 -5.19 -9.39 -13.54
C SER A 138 -6.05 -9.32 -14.78
N ALA A 139 -7.35 -9.49 -14.60
CA ALA A 139 -8.28 -9.48 -15.71
C ALA A 139 -8.61 -8.10 -16.24
N ASN A 140 -8.30 -7.05 -15.47
CA ASN A 140 -8.61 -5.70 -15.92
C ASN A 140 -7.41 -4.83 -16.29
N VAL A 141 -6.26 -5.44 -16.50
CA VAL A 141 -5.09 -4.68 -16.93
C VAL A 141 -4.97 -4.92 -18.42
N ASP A 142 -5.08 -3.85 -19.20
CA ASP A 142 -4.97 -3.94 -20.65
C ASP A 142 -3.56 -3.52 -21.04
N ALA A 143 -2.72 -4.49 -21.37
CA ALA A 143 -1.33 -4.24 -21.74
C ALA A 143 -1.11 -4.50 -23.23
N SER A 144 -2.18 -4.45 -24.01
CA SER A 144 -2.08 -4.70 -25.45
C SER A 144 -1.08 -3.77 -26.14
N ARG A 145 -0.96 -2.55 -25.63
CA ARG A 145 -0.05 -1.56 -26.20
C ARG A 145 1.37 -1.66 -25.66
N GLU A 146 1.61 -2.63 -24.78
CA GLU A 146 2.94 -2.80 -24.18
C GLU A 146 3.56 -4.17 -24.48
N PRO A 147 4.40 -4.25 -25.52
CA PRO A 147 5.07 -5.49 -25.94
C PRO A 147 5.91 -6.16 -24.86
N ARG A 148 6.51 -5.35 -23.97
CA ARG A 148 7.34 -5.88 -22.90
C ARG A 148 6.61 -6.79 -21.93
N LEU A 149 5.29 -6.64 -21.83
CA LEU A 149 4.51 -7.46 -20.91
C LEU A 149 3.74 -8.60 -21.56
N LYS A 150 3.96 -8.82 -22.86
CA LYS A 150 3.25 -9.88 -23.57
C LYS A 150 3.48 -11.28 -23.02
N GLY A 151 2.38 -11.94 -22.66
CA GLY A 151 2.45 -13.30 -22.14
C GLY A 151 3.07 -13.43 -20.76
N LEU A 152 3.34 -12.31 -20.10
CA LEU A 152 3.96 -12.35 -18.78
C LEU A 152 2.95 -12.43 -17.64
N PHE A 153 1.68 -12.17 -17.96
CA PHE A 153 0.61 -12.26 -16.97
C PHE A 153 -0.66 -12.59 -17.72
N ALA A 154 -1.68 -13.05 -17.00
CA ALA A 154 -2.94 -13.42 -17.65
C ALA A 154 -4.14 -12.94 -16.84
N PRO A 155 -5.32 -12.85 -17.48
CA PRO A 155 -6.54 -12.40 -16.79
C PRO A 155 -6.85 -13.31 -15.60
N TYR A 156 -6.63 -14.60 -15.78
CA TYR A 156 -6.88 -15.57 -14.73
C TYR A 156 -6.00 -16.80 -14.93
N ALA A 157 -6.01 -17.67 -13.93
CA ALA A 157 -5.23 -18.89 -14.00
C ALA A 157 -6.05 -20.05 -13.49
N VAL A 158 -5.74 -21.25 -13.96
CA VAL A 158 -6.43 -22.44 -13.49
C VAL A 158 -5.37 -23.29 -12.82
N VAL A 159 -5.52 -23.53 -11.52
CA VAL A 159 -4.55 -24.32 -10.80
C VAL A 159 -5.19 -25.63 -10.35
N VAL A 160 -4.43 -26.71 -10.39
CA VAL A 160 -4.94 -28.00 -9.97
C VAL A 160 -4.50 -28.27 -8.55
N VAL A 161 -5.47 -28.52 -7.67
CA VAL A 161 -5.20 -28.79 -6.27
C VAL A 161 -6.01 -29.99 -5.83
N GLY A 162 -5.33 -31.01 -5.32
CA GLY A 162 -6.02 -32.21 -4.87
C GLY A 162 -6.85 -32.85 -5.96
N GLY A 163 -6.40 -32.72 -7.21
CA GLY A 163 -7.13 -33.31 -8.32
C GLY A 163 -8.27 -32.49 -8.86
N GLU A 164 -8.48 -31.30 -8.29
CA GLU A 164 -9.56 -30.42 -8.72
C GLU A 164 -9.02 -29.13 -9.32
N ARG A 165 -9.76 -28.55 -10.25
CA ARG A 165 -9.34 -27.29 -10.88
C ARG A 165 -9.95 -26.12 -10.13
N VAL A 166 -9.13 -25.11 -9.88
CA VAL A 166 -9.58 -23.90 -9.20
C VAL A 166 -9.19 -22.71 -10.05
N GLY A 167 -10.15 -21.86 -10.36
CA GLY A 167 -9.86 -20.68 -11.17
C GLY A 167 -9.51 -19.51 -10.27
N ILE A 168 -8.52 -18.73 -10.67
CA ILE A 168 -8.10 -17.56 -9.90
C ILE A 168 -8.12 -16.35 -10.82
N ILE A 169 -9.05 -15.43 -10.54
CA ILE A 169 -9.21 -14.22 -11.33
C ILE A 169 -8.56 -13.02 -10.65
N GLY A 170 -7.60 -12.39 -11.31
CA GLY A 170 -6.95 -11.25 -10.70
C GLY A 170 -7.63 -9.93 -11.07
N LEU A 171 -7.47 -8.93 -10.20
CA LEU A 171 -8.03 -7.60 -10.43
C LEU A 171 -7.08 -6.59 -9.81
N THR A 172 -6.89 -5.48 -10.51
CA THR A 172 -6.00 -4.39 -10.08
C THR A 172 -6.78 -3.09 -9.99
N THR A 173 -6.61 -2.33 -8.92
CA THR A 173 -7.34 -1.08 -8.77
C THR A 173 -7.12 -0.15 -9.97
N PRO A 174 -8.20 0.34 -10.57
CA PRO A 174 -8.05 1.23 -11.73
C PRO A 174 -7.36 2.55 -11.34
N ASP A 175 -7.33 2.81 -10.03
CA ASP A 175 -6.69 4.03 -9.53
C ASP A 175 -5.19 4.02 -9.79
N THR A 176 -4.68 2.87 -10.23
CA THR A 176 -3.26 2.73 -10.52
C THR A 176 -2.82 3.82 -11.50
N ARG A 177 -3.73 4.20 -12.39
CA ARG A 177 -3.44 5.24 -13.37
C ARG A 177 -3.00 6.53 -12.70
N GLU A 178 -3.63 6.87 -11.58
CA GLU A 178 -3.30 8.10 -10.85
C GLU A 178 -2.28 7.92 -9.73
N ILE A 179 -2.30 6.76 -9.07
CA ILE A 179 -1.40 6.55 -7.94
C ILE A 179 -0.06 5.86 -8.21
N SER A 180 0.17 5.44 -9.44
CA SER A 180 1.43 4.79 -9.80
C SER A 180 1.94 5.36 -11.12
N ASN A 181 2.89 4.67 -11.74
CA ASN A 181 3.45 5.11 -13.02
C ASN A 181 3.30 4.06 -14.12
N PRO A 182 2.08 3.56 -14.34
CA PRO A 182 1.90 2.55 -15.38
C PRO A 182 2.35 3.04 -16.76
N GLY A 183 2.22 4.34 -16.99
CA GLY A 183 2.63 4.89 -18.26
C GLY A 183 1.56 4.89 -19.34
N PRO A 184 1.87 5.42 -20.52
CA PRO A 184 0.96 5.49 -21.67
C PRO A 184 0.64 4.19 -22.40
N THR A 185 1.36 3.11 -22.09
CA THR A 185 1.12 1.83 -22.76
C THR A 185 0.24 0.86 -21.99
N VAL A 186 -0.19 1.25 -20.79
CA VAL A 186 -1.02 0.37 -19.97
C VAL A 186 -2.31 1.08 -19.56
N ALA A 187 -3.43 0.38 -19.75
CA ALA A 187 -4.75 0.92 -19.40
C ALA A 187 -5.43 -0.01 -18.41
N PHE A 188 -6.43 0.51 -17.71
CA PHE A 188 -7.16 -0.29 -16.72
C PHE A 188 -8.64 -0.34 -17.05
N LEU A 189 -9.20 -1.54 -16.96
CA LEU A 189 -10.62 -1.77 -17.28
C LEU A 189 -11.48 -1.87 -16.03
N ASP A 190 -12.80 -1.83 -16.22
CA ASP A 190 -13.73 -1.93 -15.11
C ASP A 190 -13.59 -3.30 -14.44
N PRO A 191 -13.42 -3.31 -13.10
CA PRO A 191 -13.27 -4.58 -12.37
C PRO A 191 -14.45 -5.55 -12.58
N TYR A 192 -15.66 -5.06 -12.38
CA TYR A 192 -16.87 -5.87 -12.53
C TYR A 192 -16.98 -6.53 -13.91
N GLU A 193 -16.94 -5.71 -14.96
CA GLU A 193 -17.05 -6.24 -16.32
C GLU A 193 -15.95 -7.24 -16.64
N SER A 194 -14.73 -6.96 -16.21
CA SER A 194 -13.60 -7.84 -16.45
C SER A 194 -13.73 -9.15 -15.69
N ALA A 195 -14.09 -9.05 -14.41
CA ALA A 195 -14.23 -10.22 -13.56
C ALA A 195 -15.38 -11.13 -13.97
N GLN A 196 -16.55 -10.55 -14.25
CA GLN A 196 -17.70 -11.37 -14.61
C GLN A 196 -17.46 -12.12 -15.92
N LYS A 197 -16.75 -11.50 -16.85
CA LYS A 197 -16.41 -12.14 -18.11
C LYS A 197 -15.51 -13.34 -17.82
N ALA A 198 -14.52 -13.13 -16.97
CA ALA A 198 -13.59 -14.19 -16.60
C ALA A 198 -14.34 -15.35 -15.95
N VAL A 199 -15.35 -15.02 -15.16
CA VAL A 199 -16.15 -16.06 -14.50
C VAL A 199 -16.83 -16.93 -15.56
N TYR A 200 -17.40 -16.30 -16.59
CA TYR A 200 -18.05 -17.05 -17.65
C TYR A 200 -17.05 -17.92 -18.40
N GLU A 201 -15.87 -17.37 -18.68
CA GLU A 201 -14.84 -18.13 -19.39
C GLU A 201 -14.43 -19.37 -18.61
N LEU A 202 -14.26 -19.21 -17.29
CA LEU A 202 -13.86 -20.33 -16.46
C LEU A 202 -14.94 -21.42 -16.41
N LEU A 203 -16.18 -21.00 -16.23
CA LEU A 203 -17.29 -21.94 -16.18
C LEU A 203 -17.38 -22.72 -17.49
N ALA A 204 -17.13 -22.04 -18.60
CA ALA A 204 -17.17 -22.68 -19.91
C ALA A 204 -16.09 -23.74 -20.04
N LYS A 205 -15.04 -23.64 -19.22
CA LYS A 205 -13.95 -24.60 -19.24
C LYS A 205 -14.16 -25.71 -18.20
N GLY A 206 -15.30 -25.66 -17.52
CA GLY A 206 -15.60 -26.67 -16.51
C GLY A 206 -15.05 -26.38 -15.13
N VAL A 207 -14.62 -25.14 -14.89
CA VAL A 207 -14.07 -24.75 -13.60
C VAL A 207 -15.16 -23.98 -12.85
N ASN A 208 -15.73 -24.60 -11.82
CA ASN A 208 -16.78 -23.98 -11.03
C ASN A 208 -16.34 -23.42 -9.67
N LYS A 209 -15.13 -23.76 -9.26
CA LYS A 209 -14.59 -23.25 -8.00
C LYS A 209 -13.71 -22.08 -8.42
N ILE A 210 -14.17 -20.86 -8.11
CA ILE A 210 -13.49 -19.64 -8.53
C ILE A 210 -13.18 -18.67 -7.40
N VAL A 211 -11.95 -18.18 -7.37
CA VAL A 211 -11.50 -17.23 -6.37
C VAL A 211 -11.02 -15.96 -7.05
N VAL A 212 -11.41 -14.81 -6.53
CA VAL A 212 -10.95 -13.55 -7.09
C VAL A 212 -9.79 -13.11 -6.21
N LEU A 213 -8.64 -12.83 -6.83
CA LEU A 213 -7.44 -12.38 -6.12
C LEU A 213 -7.41 -10.91 -6.50
N SER A 214 -7.90 -10.08 -5.58
CA SER A 214 -8.05 -8.65 -5.83
C SER A 214 -7.17 -7.63 -5.14
N HIS A 215 -6.84 -6.57 -5.87
CA HIS A 215 -6.08 -5.48 -5.30
C HIS A 215 -6.91 -4.22 -5.54
N LEU A 216 -8.15 -4.27 -5.05
CA LEU A 216 -9.10 -3.16 -5.20
C LEU A 216 -9.36 -2.44 -3.88
N GLY A 217 -9.19 -3.16 -2.77
CA GLY A 217 -9.42 -2.59 -1.45
C GLY A 217 -10.58 -3.33 -0.81
N TYR A 218 -10.53 -3.47 0.52
CA TYR A 218 -11.56 -4.17 1.29
C TYR A 218 -12.96 -3.64 1.00
N GLY A 219 -13.14 -2.33 1.09
CA GLY A 219 -14.43 -1.74 0.83
C GLY A 219 -14.93 -2.05 -0.58
N GLU A 220 -14.04 -1.93 -1.56
CA GLU A 220 -14.42 -2.21 -2.93
C GLU A 220 -14.73 -3.70 -3.13
N ASP A 221 -14.01 -4.57 -2.43
CA ASP A 221 -14.26 -6.00 -2.55
C ASP A 221 -15.65 -6.35 -2.03
N LEU A 222 -16.04 -5.70 -0.94
CA LEU A 222 -17.35 -5.94 -0.36
C LEU A 222 -18.44 -5.52 -1.34
N LYS A 223 -18.26 -4.38 -1.99
CA LYS A 223 -19.24 -3.91 -2.96
C LYS A 223 -19.27 -4.84 -4.18
N LEU A 224 -18.10 -5.23 -4.66
CA LEU A 224 -18.02 -6.11 -5.83
C LEU A 224 -18.64 -7.48 -5.56
N ALA A 225 -18.47 -7.97 -4.34
CA ALA A 225 -19.01 -9.26 -3.94
C ALA A 225 -20.53 -9.30 -4.00
N ARG A 226 -21.17 -8.14 -3.90
CA ARG A 226 -22.61 -8.07 -3.95
C ARG A 226 -23.11 -7.96 -5.40
N ARG A 227 -22.18 -7.84 -6.34
CA ARG A 227 -22.53 -7.69 -7.75
C ARG A 227 -22.20 -8.91 -8.64
N LEU A 228 -21.06 -9.55 -8.39
CA LEU A 228 -20.66 -10.71 -9.17
C LEU A 228 -21.46 -11.97 -8.84
N VAL A 229 -21.53 -12.88 -9.80
CA VAL A 229 -22.21 -14.16 -9.60
C VAL A 229 -21.22 -15.23 -10.04
N GLY A 230 -21.15 -16.34 -9.30
CA GLY A 230 -20.25 -17.41 -9.66
C GLY A 230 -18.94 -17.43 -8.89
N VAL A 231 -18.76 -16.46 -7.99
CA VAL A 231 -17.54 -16.35 -7.18
C VAL A 231 -17.88 -16.54 -5.71
N GLN A 232 -17.14 -17.42 -5.02
CA GLN A 232 -17.40 -17.69 -3.61
C GLN A 232 -16.42 -17.03 -2.65
N VAL A 233 -15.24 -16.67 -3.15
CA VAL A 233 -14.22 -16.06 -2.29
C VAL A 233 -13.46 -14.93 -2.98
N ILE A 234 -13.22 -13.86 -2.23
CA ILE A 234 -12.45 -12.75 -2.73
C ILE A 234 -11.31 -12.55 -1.74
N VAL A 235 -10.08 -12.77 -2.20
CA VAL A 235 -8.88 -12.61 -1.39
C VAL A 235 -8.28 -11.29 -1.83
N GLY A 236 -8.30 -10.29 -0.96
CA GLY A 236 -7.80 -8.99 -1.36
C GLY A 236 -6.70 -8.30 -0.60
N GLY A 237 -6.52 -7.03 -0.92
CA GLY A 237 -5.50 -6.20 -0.30
C GLY A 237 -5.78 -4.75 -0.64
N HIS A 238 -4.70 -4.00 -0.89
CA HIS A 238 -4.75 -2.58 -1.23
C HIS A 238 -5.14 -1.63 -0.09
N SER A 239 -6.07 -2.04 0.75
CA SER A 239 -6.48 -1.18 1.85
C SER A 239 -5.68 -1.46 3.14
N HIS A 240 -4.81 -2.46 3.09
CA HIS A 240 -3.98 -2.85 4.25
C HIS A 240 -4.88 -3.10 5.46
N THR A 241 -6.01 -3.77 5.22
CA THR A 241 -6.99 -4.03 6.26
C THR A 241 -6.71 -5.21 7.18
N LEU A 242 -6.79 -4.97 8.48
CA LEU A 242 -6.59 -6.00 9.48
C LEU A 242 -7.95 -6.60 9.85
N LEU A 243 -8.14 -7.87 9.52
CA LEU A 243 -9.39 -8.56 9.82
C LEU A 243 -9.12 -9.73 10.76
N GLY A 244 -10.09 -10.06 11.61
CA GLY A 244 -9.92 -11.17 12.52
C GLY A 244 -9.93 -10.80 13.99
N SER A 245 -9.42 -11.70 14.82
CA SER A 245 -9.36 -11.46 16.26
C SER A 245 -7.99 -11.94 16.76
N PHE A 246 -7.43 -11.18 17.70
CA PHE A 246 -6.10 -11.50 18.23
C PHE A 246 -6.08 -11.41 19.76
N PRO A 247 -5.18 -12.18 20.40
CA PRO A 247 -5.05 -12.19 21.86
C PRO A 247 -4.28 -10.99 22.40
N HIS A 248 -4.09 -9.98 21.57
CA HIS A 248 -3.36 -8.79 21.97
C HIS A 248 -4.24 -7.54 21.95
N LYS A 249 -4.36 -6.90 23.11
CA LYS A 249 -5.18 -5.69 23.23
C LYS A 249 -4.70 -4.54 22.37
N GLU A 250 -3.43 -4.58 21.97
CA GLU A 250 -2.86 -3.51 21.15
C GLU A 250 -3.39 -3.48 19.72
N LEU A 251 -4.04 -4.57 19.30
CA LEU A 251 -4.58 -4.67 17.95
C LEU A 251 -6.09 -4.42 17.92
N SER A 252 -6.55 -3.72 16.90
CA SER A 252 -7.97 -3.41 16.75
C SER A 252 -8.42 -3.65 15.30
N PRO A 253 -8.84 -4.88 14.99
CA PRO A 253 -9.29 -5.27 13.64
C PRO A 253 -10.43 -4.40 13.13
N ALA A 254 -10.49 -4.22 11.81
CA ALA A 254 -11.52 -3.42 11.18
C ALA A 254 -12.77 -4.25 10.87
N GLY A 255 -12.61 -5.57 10.90
CA GLY A 255 -13.73 -6.45 10.61
C GLY A 255 -13.40 -7.89 10.95
N PRO A 256 -14.35 -8.81 10.72
CA PRO A 256 -14.13 -10.24 11.03
C PRO A 256 -13.43 -10.98 9.89
N TYR A 257 -12.78 -12.08 10.25
CA TYR A 257 -12.10 -12.90 9.26
C TYR A 257 -12.83 -14.25 9.23
N PRO A 258 -13.56 -14.53 8.15
CA PRO A 258 -13.73 -13.66 6.98
C PRO A 258 -14.94 -12.76 7.19
N THR A 259 -15.19 -11.91 6.19
CA THR A 259 -16.36 -11.04 6.21
C THR A 259 -17.24 -11.70 5.17
N VAL A 260 -18.54 -11.76 5.44
CA VAL A 260 -19.46 -12.41 4.52
C VAL A 260 -20.53 -11.48 3.98
N VAL A 261 -20.73 -11.53 2.67
CA VAL A 261 -21.76 -10.72 2.03
C VAL A 261 -22.56 -11.65 1.13
N LYS A 262 -23.70 -11.16 0.65
CA LYS A 262 -24.56 -11.96 -0.22
C LYS A 262 -24.47 -11.45 -1.65
N ASN A 263 -24.37 -12.37 -2.61
CA ASN A 263 -24.30 -11.97 -4.01
C ASN A 263 -25.73 -11.88 -4.57
N PRO A 264 -25.88 -11.50 -5.85
CA PRO A 264 -27.22 -11.38 -6.46
C PRO A 264 -28.12 -12.60 -6.37
N GLU A 265 -27.54 -13.78 -6.19
CA GLU A 265 -28.34 -15.00 -6.11
C GLU A 265 -28.60 -15.42 -4.67
N GLY A 266 -28.22 -14.57 -3.72
CA GLY A 266 -28.43 -14.88 -2.32
C GLY A 266 -27.42 -15.86 -1.74
N LYS A 267 -26.31 -16.05 -2.43
CA LYS A 267 -25.27 -16.98 -1.96
C LYS A 267 -24.18 -16.22 -1.21
N ASP A 268 -23.56 -16.89 -0.24
CA ASP A 268 -22.50 -16.26 0.54
C ASP A 268 -21.20 -16.08 -0.24
N VAL A 269 -20.58 -14.92 -0.04
CA VAL A 269 -19.30 -14.62 -0.66
C VAL A 269 -18.39 -14.22 0.49
N LEU A 270 -17.25 -14.89 0.58
CA LEU A 270 -16.29 -14.63 1.66
C LEU A 270 -15.23 -13.64 1.21
N VAL A 271 -15.02 -12.60 2.00
CA VAL A 271 -14.01 -11.58 1.68
C VAL A 271 -12.96 -11.58 2.78
N VAL A 272 -11.70 -11.74 2.39
CA VAL A 272 -10.62 -11.76 3.36
C VAL A 272 -9.46 -10.85 2.94
N GLN A 273 -8.61 -10.53 3.90
CA GLN A 273 -7.43 -9.69 3.69
C GLN A 273 -6.49 -10.01 4.84
N ALA A 274 -5.19 -9.75 4.66
CA ALA A 274 -4.21 -10.07 5.68
C ALA A 274 -3.31 -8.92 6.12
N TRP A 275 -3.94 -7.79 6.43
CA TRP A 275 -3.24 -6.60 6.91
C TRP A 275 -2.13 -6.09 5.96
N GLU A 276 -0.87 -6.20 6.37
CA GLU A 276 0.24 -5.71 5.56
C GLU A 276 1.61 -6.23 6.01
N TRP A 277 2.59 -6.05 5.14
CA TRP A 277 3.99 -6.40 5.39
C TRP A 277 4.27 -7.80 5.93
N GLY A 278 3.43 -8.77 5.59
CA GLY A 278 3.64 -10.12 6.06
C GLY A 278 3.47 -10.25 7.56
N LYS A 279 2.84 -9.26 8.19
CA LYS A 279 2.61 -9.28 9.62
C LYS A 279 1.51 -10.28 9.96
N VAL A 280 0.68 -10.58 8.97
CA VAL A 280 -0.41 -11.53 9.14
C VAL A 280 -0.47 -12.44 7.93
N VAL A 281 -0.91 -13.68 8.17
CA VAL A 281 -1.10 -14.65 7.10
C VAL A 281 -2.53 -15.14 7.27
N GLY A 282 -3.31 -15.09 6.20
CA GLY A 282 -4.68 -15.55 6.29
C GLY A 282 -4.80 -17.00 5.90
N LEU A 283 -5.65 -17.74 6.61
CA LEU A 283 -5.88 -19.15 6.31
C LEU A 283 -7.39 -19.36 6.29
N LEU A 284 -7.94 -19.57 5.11
CA LEU A 284 -9.37 -19.77 4.95
C LEU A 284 -9.64 -21.13 4.32
N GLU A 285 -10.26 -22.03 5.09
CA GLU A 285 -10.58 -23.35 4.59
C GLU A 285 -12.02 -23.33 4.09
N VAL A 286 -12.20 -23.54 2.79
CA VAL A 286 -13.52 -23.55 2.20
C VAL A 286 -13.86 -24.92 1.64
N THR A 287 -15.11 -25.33 1.81
CA THR A 287 -15.57 -26.62 1.31
C THR A 287 -16.63 -26.36 0.26
N PHE A 288 -16.47 -26.97 -0.91
CA PHE A 288 -17.40 -26.81 -2.03
C PHE A 288 -18.12 -28.11 -2.34
N ASP A 289 -19.25 -28.01 -3.03
CA ASP A 289 -19.98 -29.19 -3.45
C ASP A 289 -19.63 -29.40 -4.93
N ALA A 290 -20.22 -30.42 -5.56
CA ALA A 290 -19.94 -30.72 -6.95
C ALA A 290 -20.17 -29.55 -7.91
N LYS A 291 -21.19 -28.74 -7.64
CA LYS A 291 -21.50 -27.59 -8.48
C LYS A 291 -20.58 -26.41 -8.20
N GLY A 292 -19.69 -26.58 -7.21
CA GLY A 292 -18.77 -25.51 -6.86
C GLY A 292 -19.38 -24.53 -5.88
N GLU A 293 -20.49 -24.93 -5.26
CA GLU A 293 -21.16 -24.08 -4.29
C GLU A 293 -20.58 -24.26 -2.90
N LEU A 294 -20.53 -23.16 -2.15
CA LEU A 294 -19.98 -23.14 -0.81
C LEU A 294 -20.82 -23.92 0.20
N LEU A 295 -20.22 -24.93 0.83
CA LEU A 295 -20.92 -25.74 1.82
C LEU A 295 -20.59 -25.32 3.25
N ALA A 296 -19.33 -24.95 3.48
CA ALA A 296 -18.90 -24.54 4.81
C ALA A 296 -17.58 -23.79 4.73
N TYR A 297 -17.23 -23.09 5.80
CA TYR A 297 -15.98 -22.34 5.82
C TYR A 297 -15.52 -22.03 7.24
N LYS A 298 -14.20 -21.97 7.40
CA LYS A 298 -13.60 -21.64 8.68
C LYS A 298 -12.31 -20.92 8.36
N GLY A 299 -11.97 -19.91 9.14
CA GLY A 299 -10.75 -19.19 8.86
C GLY A 299 -10.19 -18.45 10.04
N GLU A 300 -8.96 -18.01 9.90
CA GLU A 300 -8.30 -17.24 10.95
C GLU A 300 -7.19 -16.41 10.34
N ALA A 301 -6.95 -15.25 10.94
CA ALA A 301 -5.89 -14.36 10.51
C ALA A 301 -4.79 -14.64 11.52
N LEU A 302 -3.67 -15.18 11.04
CA LEU A 302 -2.55 -15.54 11.90
C LEU A 302 -1.51 -14.45 12.03
N LEU A 303 -1.35 -13.92 13.24
CA LEU A 303 -0.36 -12.88 13.50
C LEU A 303 0.98 -13.62 13.51
N MET A 304 1.92 -13.15 12.71
CA MET A 304 3.21 -13.80 12.59
C MET A 304 4.24 -13.48 13.67
N THR A 305 3.95 -13.94 14.89
CA THR A 305 4.84 -13.74 16.02
C THR A 305 5.60 -15.04 16.27
N PRO A 306 6.59 -15.03 17.18
CA PRO A 306 7.35 -16.25 17.47
C PRO A 306 6.44 -17.42 17.84
N GLU A 307 5.29 -17.12 18.44
CA GLU A 307 4.34 -18.15 18.83
C GLU A 307 3.71 -18.84 17.63
N ALA A 308 3.61 -18.12 16.52
CA ALA A 308 3.03 -18.68 15.30
C ALA A 308 3.96 -19.69 14.66
N ALA A 309 5.26 -19.41 14.68
CA ALA A 309 6.24 -20.31 14.10
C ALA A 309 7.64 -19.74 14.22
N PRO A 310 8.66 -20.59 14.15
CA PRO A 310 10.05 -20.14 14.25
C PRO A 310 10.49 -19.63 12.88
N GLU A 311 11.73 -19.18 12.77
CA GLU A 311 12.24 -18.70 11.50
C GLU A 311 13.02 -19.83 10.84
N ASP A 312 12.79 -20.02 9.54
CA ASP A 312 13.50 -21.06 8.80
C ASP A 312 14.96 -20.65 8.72
N PHE A 313 15.86 -21.54 9.11
CA PHE A 313 17.29 -21.24 9.10
C PHE A 313 17.85 -20.73 7.78
N PHE A 314 17.63 -21.49 6.71
CA PHE A 314 18.15 -21.11 5.41
C PHE A 314 17.55 -19.85 4.81
N ALA A 315 16.27 -19.61 5.09
CA ALA A 315 15.61 -18.40 4.57
C ALA A 315 16.26 -17.19 5.24
N LYS A 316 16.54 -17.33 6.53
CA LYS A 316 17.16 -16.26 7.30
C LYS A 316 18.56 -15.96 6.74
N GLU A 317 19.31 -17.01 6.40
CA GLU A 317 20.64 -16.84 5.83
C GLU A 317 20.55 -16.20 4.45
N ALA A 318 19.58 -16.64 3.67
CA ALA A 318 19.38 -16.11 2.34
C ALA A 318 19.09 -14.61 2.39
N LEU A 319 18.33 -14.19 3.39
CA LEU A 319 18.01 -12.76 3.50
C LEU A 319 19.27 -11.99 3.85
N LEU A 320 20.15 -12.59 4.64
CA LEU A 320 21.40 -11.95 5.01
C LEU A 320 22.26 -11.76 3.76
N ALA A 321 22.14 -12.69 2.82
CA ALA A 321 22.88 -12.60 1.55
C ALA A 321 22.38 -11.39 0.77
N TYR A 322 21.05 -11.24 0.71
CA TYR A 322 20.47 -10.11 0.00
C TYR A 322 20.79 -8.79 0.70
N ALA A 323 20.89 -8.83 2.02
CA ALA A 323 21.17 -7.63 2.80
C ALA A 323 22.58 -7.07 2.66
N GLN A 324 23.54 -7.91 2.24
CA GLN A 324 24.93 -7.48 2.12
C GLN A 324 25.22 -6.09 1.56
N PRO A 325 24.72 -5.78 0.35
CA PRO A 325 24.98 -4.44 -0.21
C PRO A 325 24.26 -3.25 0.43
N VAL A 326 23.26 -3.52 1.26
CA VAL A 326 22.52 -2.43 1.92
C VAL A 326 22.62 -2.50 3.43
N MET A 327 23.40 -3.45 3.93
CA MET A 327 23.56 -3.66 5.36
C MET A 327 24.06 -2.42 6.10
N ALA A 328 25.06 -1.75 5.54
CA ALA A 328 25.62 -0.56 6.16
C ALA A 328 24.55 0.51 6.37
N LEU A 329 23.70 0.72 5.37
CA LEU A 329 22.64 1.71 5.48
C LEU A 329 21.62 1.33 6.54
N MET A 330 21.37 0.03 6.69
CA MET A 330 20.42 -0.43 7.69
C MET A 330 20.95 -0.26 9.11
N GLN A 331 22.26 -0.09 9.23
CA GLN A 331 22.88 0.08 10.55
C GLN A 331 23.33 1.50 10.84
N GLN A 332 23.27 2.37 9.83
CA GLN A 332 23.71 3.74 9.99
C GLN A 332 22.71 4.65 10.70
N VAL A 333 23.02 4.96 11.97
CA VAL A 333 22.17 5.84 12.78
C VAL A 333 22.54 7.30 12.47
N ILE A 334 21.55 8.10 12.09
CA ILE A 334 21.80 9.50 11.74
C ILE A 334 21.13 10.49 12.69
N ALA A 335 20.30 9.99 13.60
CA ALA A 335 19.62 10.83 14.56
C ALA A 335 18.87 9.98 15.56
N GLU A 336 18.21 10.64 16.51
CA GLU A 336 17.44 9.96 17.53
C GLU A 336 16.05 10.58 17.65
N ALA A 337 15.03 9.74 17.68
CA ALA A 337 13.66 10.22 17.82
C ALA A 337 13.35 10.18 19.31
N LYS A 338 13.05 11.33 19.89
CA LYS A 338 12.72 11.40 21.32
C LYS A 338 11.27 11.02 21.56
N VAL A 339 10.46 11.04 20.50
CA VAL A 339 9.06 10.69 20.60
C VAL A 339 8.70 9.85 19.38
N ASP A 340 7.58 9.14 19.44
CA ASP A 340 7.16 8.34 18.29
C ASP A 340 6.72 9.29 17.19
N LEU A 341 7.24 9.07 15.98
CA LEU A 341 6.87 9.88 14.83
C LEU A 341 5.85 9.04 14.08
N VAL A 342 4.58 9.42 14.20
CA VAL A 342 3.46 8.69 13.63
C VAL A 342 3.30 8.70 12.11
N GLY A 343 3.43 7.52 11.52
CA GLY A 343 3.30 7.38 10.09
C GLY A 343 2.28 6.36 9.66
N GLU A 344 1.42 5.92 10.58
CA GLU A 344 0.38 4.94 10.24
C GLU A 344 -0.52 5.54 9.16
N ARG A 345 -0.93 4.75 8.18
CA ARG A 345 -1.75 5.31 7.11
C ARG A 345 -3.07 5.92 7.55
N ALA A 346 -3.71 5.34 8.56
CA ALA A 346 -4.98 5.86 9.05
C ALA A 346 -4.80 7.26 9.65
N VAL A 347 -3.55 7.63 9.92
CA VAL A 347 -3.27 8.95 10.49
C VAL A 347 -2.75 9.90 9.41
N VAL A 348 -1.64 9.53 8.77
CA VAL A 348 -1.05 10.39 7.75
C VAL A 348 -1.93 10.64 6.53
N ARG A 349 -2.93 9.78 6.30
CA ARG A 349 -3.82 9.98 5.16
C ARG A 349 -5.17 10.56 5.57
N ARG A 350 -5.33 10.92 6.85
CA ARG A 350 -6.61 11.44 7.31
C ARG A 350 -6.59 12.64 8.24
N ARG A 351 -5.46 12.92 8.87
CA ARG A 351 -5.37 14.04 9.79
C ARG A 351 -3.92 14.46 9.99
N GLU A 352 -3.71 15.48 10.80
CA GLU A 352 -2.36 15.94 11.06
C GLU A 352 -1.51 14.84 11.68
N SER A 353 -0.28 14.73 11.21
CA SER A 353 0.67 13.74 11.68
C SER A 353 1.95 14.46 12.10
N ASN A 354 2.52 14.11 13.25
CA ASN A 354 3.73 14.79 13.66
C ASN A 354 4.89 14.44 12.72
N LEU A 355 4.86 13.25 12.12
CA LEU A 355 5.91 12.87 11.17
C LEU A 355 5.68 13.68 9.89
N GLY A 356 4.41 13.84 9.52
CA GLY A 356 4.09 14.63 8.34
C GLY A 356 4.58 16.05 8.53
N ASN A 357 4.41 16.58 9.75
CA ASN A 357 4.86 17.94 10.06
C ASN A 357 6.37 18.04 9.96
N LEU A 358 7.06 16.99 10.43
CA LEU A 358 8.51 16.98 10.40
C LEU A 358 9.05 16.93 8.98
N ILE A 359 8.48 16.05 8.15
CA ILE A 359 8.92 15.93 6.77
C ILE A 359 8.69 17.21 5.99
N THR A 360 7.51 17.80 6.13
CA THR A 360 7.22 19.05 5.42
C THR A 360 8.11 20.18 5.94
N ASP A 361 8.42 20.18 7.24
CA ASP A 361 9.31 21.20 7.78
C ASP A 361 10.67 21.04 7.09
N GLY A 362 11.08 19.77 6.93
CA GLY A 362 12.35 19.49 6.29
C GLY A 362 12.39 19.95 4.85
N MET A 363 11.26 19.82 4.15
CA MET A 363 11.18 20.25 2.76
C MET A 363 11.38 21.77 2.64
N LEU A 364 10.77 22.52 3.55
CA LEU A 364 10.92 23.98 3.53
C LEU A 364 12.36 24.34 3.89
N TRP A 365 12.91 23.63 4.87
CA TRP A 365 14.28 23.86 5.34
C TRP A 365 15.29 23.65 4.21
N LYS A 366 15.14 22.55 3.47
CA LYS A 366 16.06 22.24 2.38
C LYS A 366 15.99 23.29 1.28
N THR A 367 14.80 23.84 1.05
CA THR A 367 14.63 24.84 0.00
C THR A 367 14.52 26.27 0.51
N ARG A 368 15.03 26.54 1.70
CA ARG A 368 14.96 27.88 2.26
C ARG A 368 15.72 28.88 1.40
N ASN A 369 16.69 28.40 0.62
CA ASN A 369 17.46 29.28 -0.25
C ASN A 369 16.65 29.63 -1.50
N ALA A 370 15.53 28.94 -1.69
CA ALA A 370 14.67 29.19 -2.84
C ALA A 370 13.47 30.07 -2.46
N GLY A 371 13.40 30.46 -1.20
CA GLY A 371 12.31 31.31 -0.75
C GLY A 371 10.96 30.63 -0.64
N THR A 372 10.97 29.31 -0.43
CA THR A 372 9.73 28.56 -0.30
C THR A 372 9.03 28.96 1.00
N GLN A 373 7.70 29.03 0.96
CA GLN A 373 6.93 29.42 2.13
C GLN A 373 6.00 28.32 2.61
N ILE A 374 5.60 27.44 1.70
CA ILE A 374 4.69 26.36 2.03
C ILE A 374 5.18 25.03 1.46
N ALA A 375 4.99 23.96 2.23
CA ALA A 375 5.38 22.63 1.79
C ALA A 375 4.14 21.75 1.84
N LEU A 376 3.94 20.93 0.81
CA LEU A 376 2.80 20.01 0.74
C LEU A 376 3.36 18.62 0.47
N GLN A 377 2.85 17.62 1.19
CA GLN A 377 3.31 16.25 0.99
C GLN A 377 2.13 15.28 1.14
N ASN A 378 1.87 14.50 0.10
CA ASN A 378 0.78 13.55 0.14
C ASN A 378 1.10 12.42 1.13
N GLY A 379 0.13 12.09 1.98
CA GLY A 379 0.31 11.06 2.97
C GLY A 379 0.64 9.69 2.43
N GLY A 380 0.21 9.43 1.20
CA GLY A 380 0.49 8.15 0.57
C GLY A 380 1.98 7.99 0.33
N GLY A 381 2.71 9.10 0.39
CA GLY A 381 4.16 9.08 0.21
C GLY A 381 4.94 8.86 1.49
N ILE A 382 4.25 8.81 2.63
CA ILE A 382 4.88 8.57 3.93
C ILE A 382 4.44 7.17 4.29
N ARG A 383 5.35 6.21 4.14
CA ARG A 383 5.04 4.79 4.30
C ARG A 383 5.29 4.06 5.61
N ALA A 384 5.84 4.72 6.61
CA ALA A 384 6.09 4.04 7.88
C ALA A 384 6.24 5.02 9.02
N SER A 385 6.20 4.50 10.24
CA SER A 385 6.37 5.32 11.42
C SER A 385 7.82 5.19 11.87
N ILE A 386 8.27 6.12 12.70
CA ILE A 386 9.63 6.06 13.23
C ILE A 386 9.46 6.07 14.75
N PRO A 387 9.50 4.88 15.38
CA PRO A 387 9.35 4.78 16.83
C PRO A 387 10.45 5.53 17.55
N LYS A 388 10.18 5.93 18.79
CA LYS A 388 11.18 6.62 19.60
C LYS A 388 12.41 5.73 19.65
N GLY A 389 13.58 6.32 19.42
CA GLY A 389 14.81 5.55 19.44
C GLY A 389 15.70 5.96 18.28
N PRO A 390 16.71 5.16 17.95
CA PRO A 390 17.60 5.52 16.84
C PRO A 390 16.92 5.57 15.48
N ILE A 391 17.34 6.50 14.63
CA ILE A 391 16.80 6.62 13.29
C ILE A 391 17.93 6.23 12.33
N THR A 392 17.73 5.16 11.58
CA THR A 392 18.74 4.70 10.63
C THR A 392 18.39 5.13 9.22
N VAL A 393 19.38 5.07 8.33
CA VAL A 393 19.16 5.42 6.94
C VAL A 393 18.16 4.43 6.35
N GLY A 394 18.27 3.17 6.78
CA GLY A 394 17.36 2.14 6.30
C GLY A 394 15.92 2.50 6.62
N LYS A 395 15.71 3.00 7.83
CA LYS A 395 14.36 3.39 8.25
C LYS A 395 13.85 4.57 7.43
N VAL A 396 14.72 5.53 7.12
CA VAL A 396 14.31 6.68 6.32
C VAL A 396 13.81 6.23 4.95
N TYR A 397 14.49 5.27 4.34
CA TYR A 397 14.07 4.79 3.04
C TYR A 397 12.79 3.96 3.10
N GLU A 398 12.47 3.44 4.27
CA GLU A 398 11.22 2.68 4.43
C GLU A 398 10.09 3.72 4.49
N VAL A 399 10.36 4.86 5.10
CA VAL A 399 9.37 5.93 5.22
C VAL A 399 9.14 6.65 3.88
N LEU A 400 10.23 6.97 3.19
CA LEU A 400 10.20 7.65 1.89
C LEU A 400 10.98 6.77 0.92
N PRO A 401 10.31 5.77 0.33
CA PRO A 401 10.93 4.83 -0.61
C PRO A 401 10.96 5.17 -2.09
N PHE A 402 10.11 6.09 -2.51
CA PHE A 402 9.97 6.44 -3.92
C PHE A 402 11.11 7.11 -4.67
N GLY A 403 11.95 7.86 -3.96
CA GLY A 403 13.04 8.54 -4.64
C GLY A 403 12.53 9.73 -5.43
N ASN A 404 11.42 10.31 -4.97
CA ASN A 404 10.89 11.48 -5.66
C ASN A 404 11.82 12.65 -5.36
N THR A 405 11.75 13.69 -6.17
CA THR A 405 12.59 14.86 -5.98
C THR A 405 11.72 16.04 -5.58
N LEU A 406 12.32 17.05 -4.97
CA LEU A 406 11.58 18.22 -4.54
C LEU A 406 11.45 19.22 -5.68
N VAL A 407 10.22 19.70 -5.90
CA VAL A 407 9.97 20.67 -6.94
C VAL A 407 9.49 21.99 -6.32
N VAL A 408 10.10 23.09 -6.74
CA VAL A 408 9.72 24.41 -6.23
C VAL A 408 8.86 25.05 -7.31
N MET A 409 7.68 25.51 -6.92
CA MET A 409 6.79 26.14 -7.89
C MET A 409 5.92 27.24 -7.28
N ASP A 410 5.52 28.18 -8.13
CA ASP A 410 4.66 29.27 -7.69
C ASP A 410 3.22 28.87 -7.96
N LEU A 411 2.38 29.00 -6.93
CA LEU A 411 0.98 28.64 -7.06
C LEU A 411 0.08 29.78 -6.60
N LYS A 412 -1.04 29.96 -7.29
CA LYS A 412 -2.00 30.98 -6.90
C LYS A 412 -2.74 30.40 -5.70
N GLY A 413 -3.24 31.27 -4.82
CA GLY A 413 -3.97 30.76 -3.67
C GLY A 413 -5.06 29.79 -4.08
N LYS A 414 -5.74 30.09 -5.19
CA LYS A 414 -6.81 29.23 -5.68
C LYS A 414 -6.31 27.83 -6.01
N GLU A 415 -5.08 27.73 -6.50
CA GLU A 415 -4.50 26.45 -6.86
C GLU A 415 -4.14 25.65 -5.60
N ILE A 416 -3.63 26.35 -4.58
CA ILE A 416 -3.30 25.68 -3.33
C ILE A 416 -4.59 25.14 -2.72
N LEU A 417 -5.65 25.95 -2.75
CA LEU A 417 -6.94 25.53 -2.22
C LEU A 417 -7.43 24.28 -2.95
N ALA A 418 -7.38 24.32 -4.28
CA ALA A 418 -7.82 23.19 -5.09
C ALA A 418 -7.01 21.94 -4.75
N ALA A 419 -5.72 22.13 -4.49
CA ALA A 419 -4.85 21.01 -4.14
C ALA A 419 -5.30 20.40 -2.82
N LEU A 420 -5.57 21.26 -1.84
CA LEU A 420 -6.03 20.80 -0.54
C LEU A 420 -7.36 20.06 -0.67
N GLU A 421 -8.25 20.56 -1.54
CA GLU A 421 -9.55 19.91 -1.75
C GLU A 421 -9.36 18.51 -2.33
N ASN A 422 -8.47 18.39 -3.32
CA ASN A 422 -8.21 17.08 -3.92
C ASN A 422 -7.68 16.15 -2.85
N GLY A 423 -6.84 16.70 -1.97
CA GLY A 423 -6.27 15.91 -0.90
C GLY A 423 -7.27 15.25 0.02
N VAL A 424 -8.38 15.93 0.29
CA VAL A 424 -9.39 15.37 1.18
C VAL A 424 -10.61 14.84 0.44
N SER A 425 -10.54 14.83 -0.89
CA SER A 425 -11.65 14.38 -1.73
C SER A 425 -12.00 12.90 -1.59
N GLN A 426 -11.06 12.10 -1.10
CA GLN A 426 -11.29 10.67 -0.94
C GLN A 426 -10.95 10.19 0.48
N TRP A 427 -11.19 11.05 1.45
CA TRP A 427 -10.93 10.78 2.86
C TRP A 427 -11.56 9.46 3.34
N GLU A 428 -12.81 9.23 2.94
CA GLU A 428 -13.52 8.02 3.35
C GLU A 428 -12.81 6.74 2.92
N ASN A 429 -12.04 6.83 1.84
CA ASN A 429 -11.32 5.67 1.32
C ASN A 429 -9.86 5.63 1.78
N THR A 430 -9.49 6.57 2.64
CA THR A 430 -8.11 6.65 3.15
C THR A 430 -7.13 6.65 1.97
N ALA A 431 -7.39 7.50 0.98
CA ALA A 431 -6.54 7.61 -0.20
C ALA A 431 -5.23 8.33 0.13
N GLY A 432 -4.18 8.01 -0.63
CA GLY A 432 -2.88 8.62 -0.37
C GLY A 432 -2.69 10.08 -0.77
N ARG A 433 -3.66 10.67 -1.45
CA ARG A 433 -3.51 12.06 -1.88
C ARG A 433 -3.62 13.09 -0.75
N PHE A 434 -4.10 12.67 0.42
CA PHE A 434 -4.24 13.57 1.56
C PHE A 434 -2.96 14.36 1.83
N LEU A 435 -3.07 15.68 1.99
CA LEU A 435 -1.89 16.50 2.21
C LEU A 435 -1.47 16.91 3.62
N GLN A 436 -0.23 16.56 3.97
CA GLN A 436 0.35 16.96 5.24
C GLN A 436 0.95 18.30 4.84
N VAL A 437 1.10 19.24 5.78
CA VAL A 437 1.58 20.56 5.40
C VAL A 437 2.48 21.28 6.39
N SER A 438 3.16 22.31 5.89
CA SER A 438 4.00 23.18 6.69
C SER A 438 3.91 24.55 6.05
N GLY A 439 3.78 25.59 6.88
CA GLY A 439 3.69 26.93 6.34
C GLY A 439 2.27 27.43 6.23
N LEU A 440 1.32 26.55 6.51
CA LEU A 440 -0.09 26.92 6.46
C LEU A 440 -0.88 25.94 7.31
N ARG A 441 -2.14 26.28 7.57
CA ARG A 441 -3.01 25.40 8.33
C ARG A 441 -4.35 25.39 7.62
N TYR A 442 -5.06 24.27 7.69
CA TYR A 442 -6.36 24.21 7.05
C TYR A 442 -7.31 23.36 7.86
N ALA A 443 -8.60 23.57 7.61
CA ALA A 443 -9.66 22.83 8.29
C ALA A 443 -10.62 22.39 7.20
N PHE A 444 -11.12 21.16 7.31
CA PHE A 444 -12.07 20.67 6.32
C PHE A 444 -13.24 19.98 7.00
N ASP A 445 -14.41 20.13 6.39
CA ASP A 445 -15.67 19.59 6.91
C ASP A 445 -16.10 18.34 6.14
N LEU A 446 -16.04 17.19 6.80
CA LEU A 446 -16.41 15.93 6.18
C LEU A 446 -17.91 15.75 5.91
N SER A 447 -18.73 16.64 6.42
CA SER A 447 -20.17 16.54 6.19
C SER A 447 -20.49 17.20 4.85
N ARG A 448 -19.50 17.83 4.26
CA ARG A 448 -19.65 18.50 2.96
C ARG A 448 -19.18 17.60 1.82
N PRO A 449 -19.69 17.84 0.60
CA PRO A 449 -19.33 17.07 -0.59
C PRO A 449 -17.87 17.25 -0.98
N ALA A 450 -17.31 16.25 -1.65
CA ALA A 450 -15.92 16.33 -2.09
C ALA A 450 -15.81 17.51 -3.05
N GLY A 451 -14.76 18.31 -2.89
CA GLY A 451 -14.57 19.47 -3.75
C GLY A 451 -14.84 20.77 -3.02
N SER A 452 -15.65 20.70 -1.97
CA SER A 452 -15.97 21.89 -1.19
C SER A 452 -15.93 21.57 0.31
N ARG A 453 -14.92 20.80 0.70
CA ARG A 453 -14.77 20.41 2.10
C ARG A 453 -13.83 21.32 2.88
N VAL A 454 -12.89 21.95 2.19
CA VAL A 454 -11.95 22.83 2.87
C VAL A 454 -12.66 24.15 3.16
N VAL A 455 -12.94 24.39 4.44
CA VAL A 455 -13.65 25.59 4.83
C VAL A 455 -12.73 26.74 5.26
N ARG A 456 -11.50 26.41 5.60
CA ARG A 456 -10.54 27.43 6.02
C ARG A 456 -9.11 27.08 5.66
N VAL A 457 -8.36 28.10 5.23
CA VAL A 457 -6.95 27.93 4.89
C VAL A 457 -6.26 29.23 5.26
N GLU A 458 -5.25 29.13 6.11
CA GLU A 458 -4.51 30.30 6.55
C GLU A 458 -3.01 30.07 6.46
N VAL A 459 -2.29 31.09 5.99
CA VAL A 459 -0.85 30.99 5.83
C VAL A 459 -0.13 31.51 7.07
N LYS A 460 0.91 30.80 7.48
CA LYS A 460 1.67 31.20 8.65
C LYS A 460 2.70 32.26 8.29
N THR A 461 2.71 33.35 9.05
CA THR A 461 3.65 34.44 8.82
C THR A 461 4.14 34.99 10.17
N GLU A 462 5.09 35.92 10.10
CA GLU A 462 5.64 36.53 11.32
C GLU A 462 4.53 37.19 12.12
N LYS A 463 3.57 37.79 11.42
CA LYS A 463 2.45 38.48 12.06
C LYS A 463 1.30 37.52 12.36
N GLY A 464 1.60 36.23 12.38
CA GLY A 464 0.57 35.24 12.65
C GLY A 464 -0.11 34.71 11.40
N TYR A 465 -1.17 33.94 11.60
CA TYR A 465 -1.93 33.37 10.50
C TYR A 465 -2.76 34.39 9.74
N VAL A 466 -2.64 34.35 8.42
CA VAL A 466 -3.38 35.25 7.55
C VAL A 466 -4.19 34.40 6.57
N PRO A 467 -5.46 34.75 6.34
CA PRO A 467 -6.26 33.96 5.41
C PRO A 467 -5.60 33.86 4.04
N LEU A 468 -5.70 32.69 3.44
CA LEU A 468 -5.13 32.46 2.11
C LEU A 468 -5.78 33.43 1.14
N ASP A 469 -4.97 34.05 0.29
CA ASP A 469 -5.48 34.98 -0.71
C ASP A 469 -5.53 34.19 -2.03
N LEU A 470 -6.73 33.85 -2.47
CA LEU A 470 -6.87 33.06 -3.68
C LEU A 470 -6.27 33.71 -4.92
N GLU A 471 -6.08 35.02 -4.89
CA GLU A 471 -5.52 35.73 -6.05
C GLU A 471 -4.02 36.01 -5.92
N ALA A 472 -3.45 35.74 -4.75
CA ALA A 472 -2.02 35.98 -4.55
C ALA A 472 -1.20 34.77 -4.99
N THR A 473 0.10 34.96 -5.12
CA THR A 473 1.01 33.87 -5.52
C THR A 473 1.91 33.51 -4.35
N TYR A 474 2.08 32.20 -4.13
CA TYR A 474 2.92 31.70 -3.05
C TYR A 474 3.92 30.69 -3.61
N ARG A 475 5.14 30.73 -3.10
CA ARG A 475 6.16 29.78 -3.56
C ARG A 475 6.09 28.57 -2.65
N VAL A 476 5.83 27.41 -3.24
CA VAL A 476 5.70 26.19 -2.47
C VAL A 476 6.66 25.10 -2.93
N VAL A 477 6.86 24.10 -2.07
CA VAL A 477 7.72 22.97 -2.41
C VAL A 477 6.87 21.70 -2.24
N VAL A 478 6.92 20.84 -3.26
CA VAL A 478 6.18 19.59 -3.27
C VAL A 478 7.11 18.54 -3.89
N ASN A 479 6.65 17.30 -4.01
CA ASN A 479 7.49 16.28 -4.63
C ASN A 479 7.11 16.19 -6.10
N ASN A 480 8.01 15.67 -6.93
CA ASN A 480 7.74 15.59 -8.36
C ASN A 480 6.56 14.73 -8.77
N PHE A 481 6.22 13.73 -7.96
CA PHE A 481 5.10 12.88 -8.33
C PHE A 481 3.79 13.65 -8.41
N ILE A 482 3.49 14.45 -7.39
CA ILE A 482 2.25 15.21 -7.42
C ILE A 482 2.39 16.48 -8.26
N ALA A 483 3.60 17.02 -8.34
CA ALA A 483 3.82 18.22 -9.14
C ALA A 483 3.51 17.90 -10.61
N ASN A 484 3.78 16.66 -11.00
CA ASN A 484 3.52 16.22 -12.37
C ASN A 484 2.08 15.77 -12.59
N GLY A 485 1.25 15.89 -11.56
CA GLY A 485 -0.15 15.50 -11.69
C GLY A 485 -0.57 14.17 -11.09
N GLY A 486 0.35 13.50 -10.41
CA GLY A 486 0.00 12.22 -9.79
C GLY A 486 -0.95 12.43 -8.63
N ASP A 487 -1.64 11.36 -8.23
CA ASP A 487 -2.58 11.42 -7.11
C ASP A 487 -3.73 12.40 -7.35
N GLY A 488 -4.12 12.58 -8.60
CA GLY A 488 -5.21 13.48 -8.94
C GLY A 488 -4.89 14.96 -8.82
N PHE A 489 -3.61 15.30 -8.68
CA PHE A 489 -3.22 16.70 -8.56
C PHE A 489 -3.04 17.39 -9.91
N THR A 490 -4.07 17.30 -10.73
CA THR A 490 -4.05 17.92 -12.05
C THR A 490 -3.81 19.43 -11.92
N VAL A 491 -4.25 20.03 -10.82
CA VAL A 491 -4.07 21.46 -10.61
C VAL A 491 -2.59 21.82 -10.53
N LEU A 492 -1.78 20.92 -9.98
CA LEU A 492 -0.34 21.17 -9.89
C LEU A 492 0.31 20.94 -11.25
N LYS A 493 -0.17 19.96 -12.00
CA LYS A 493 0.39 19.68 -13.31
C LYS A 493 0.09 20.83 -14.27
N GLU A 494 -1.09 21.43 -14.10
CA GLU A 494 -1.53 22.53 -14.96
C GLU A 494 -1.04 23.92 -14.54
N ALA A 495 -0.37 24.01 -13.40
CA ALA A 495 0.12 25.30 -12.92
C ALA A 495 1.05 25.94 -13.96
N GLN A 496 0.78 27.20 -14.28
CA GLN A 496 1.57 27.93 -15.28
C GLN A 496 2.67 28.80 -14.66
N GLY A 497 2.75 28.83 -13.34
CA GLY A 497 3.75 29.65 -12.69
C GLY A 497 5.14 29.03 -12.68
N TYR A 498 6.07 29.75 -12.05
CA TYR A 498 7.46 29.30 -11.93
C TYR A 498 7.50 27.86 -11.44
N ARG A 499 8.29 27.03 -12.11
CA ARG A 499 8.40 25.62 -11.74
C ARG A 499 9.82 25.10 -11.99
N VAL A 500 10.46 24.56 -10.95
CA VAL A 500 11.80 24.04 -11.10
C VAL A 500 12.06 22.81 -10.23
N ASP A 501 12.45 21.71 -10.87
CA ASP A 501 12.76 20.49 -10.15
C ASP A 501 14.17 20.67 -9.61
N THR A 502 14.29 20.72 -8.29
CA THR A 502 15.58 20.93 -7.64
C THR A 502 16.53 19.74 -7.76
N GLY A 503 15.98 18.57 -8.02
CA GLY A 503 16.83 17.39 -8.12
C GLY A 503 17.10 16.84 -6.73
N PHE A 504 16.59 17.51 -5.71
CA PHE A 504 16.75 17.10 -4.30
C PHE A 504 15.95 15.84 -4.01
N SER A 505 16.61 14.75 -3.65
CA SER A 505 15.89 13.52 -3.31
C SER A 505 15.09 13.72 -2.03
N ASP A 506 13.86 13.19 -1.99
CA ASP A 506 13.03 13.33 -0.81
C ASP A 506 13.66 12.73 0.44
N ALA A 507 14.14 11.50 0.31
CA ALA A 507 14.78 10.80 1.42
C ALA A 507 16.04 11.52 1.86
N GLU A 508 16.88 11.89 0.91
CA GLU A 508 18.12 12.57 1.24
C GLU A 508 17.87 13.89 1.96
N SER A 509 16.86 14.62 1.48
CA SER A 509 16.51 15.90 2.07
C SER A 509 16.01 15.73 3.50
N PHE A 510 15.21 14.69 3.73
CA PHE A 510 14.69 14.41 5.05
C PHE A 510 15.83 13.99 5.98
N MET A 511 16.80 13.24 5.44
CA MET A 511 17.93 12.81 6.25
C MET A 511 18.83 14.00 6.60
N ASP A 512 18.98 14.93 5.67
CA ASP A 512 19.80 16.12 5.92
C ASP A 512 19.19 16.91 7.06
N TYR A 513 17.87 16.94 7.10
CA TYR A 513 17.17 17.67 8.15
C TYR A 513 17.33 16.95 9.49
N LEU A 514 17.22 15.63 9.48
CA LEU A 514 17.37 14.84 10.69
C LEU A 514 18.79 14.98 11.25
N LYS A 515 19.78 15.02 10.37
CA LYS A 515 21.17 15.15 10.78
C LYS A 515 21.40 16.52 11.42
N GLU A 516 20.70 17.53 10.90
CA GLU A 516 20.80 18.88 11.42
C GLU A 516 20.19 18.95 12.83
N LEU A 517 19.03 18.33 13.00
CA LEU A 517 18.34 18.32 14.28
C LEU A 517 19.03 17.44 15.33
N LYS A 518 19.58 16.31 14.90
CA LYS A 518 20.27 15.35 15.77
C LYS A 518 19.32 14.61 16.71
N VAL A 519 18.61 15.37 17.52
CA VAL A 519 17.64 14.81 18.45
C VAL A 519 16.31 15.32 17.93
N VAL A 520 15.48 14.39 17.47
CA VAL A 520 14.21 14.75 16.88
C VAL A 520 13.00 14.77 17.81
N GLU A 521 12.31 15.89 17.77
CA GLU A 521 11.10 16.09 18.54
C GLU A 521 10.11 16.68 17.55
N ALA A 522 8.88 16.21 17.62
CA ALA A 522 7.85 16.71 16.73
C ALA A 522 6.52 16.37 17.36
N GLY A 523 5.63 17.34 17.42
CA GLY A 523 4.32 17.11 17.99
C GLY A 523 3.27 17.68 17.06
N LEU A 524 2.03 17.70 17.51
CA LEU A 524 0.95 18.24 16.70
C LEU A 524 0.90 19.75 16.92
N GLU A 525 0.70 20.49 15.84
CA GLU A 525 0.67 21.95 15.91
C GLU A 525 -0.59 22.55 15.31
N GLY A 526 -1.70 21.80 15.37
CA GLY A 526 -2.95 22.28 14.83
C GLY A 526 -2.88 22.72 13.37
N ARG A 527 -2.05 22.05 12.58
CA ARG A 527 -1.92 22.41 11.17
C ARG A 527 -3.12 21.95 10.36
N ILE A 528 -3.79 20.91 10.84
CA ILE A 528 -4.96 20.39 10.15
C ILE A 528 -6.06 20.12 11.15
N GLU A 529 -7.25 20.63 10.85
CA GLU A 529 -8.39 20.44 11.73
C GLU A 529 -9.47 19.66 10.98
N VAL A 530 -9.90 18.55 11.55
CA VAL A 530 -10.93 17.72 10.92
C VAL A 530 -12.27 18.00 11.61
N LEU A 531 -13.24 18.47 10.83
CA LEU A 531 -14.56 18.79 11.37
C LEU A 531 -15.63 17.81 10.95
N ASN A 532 -16.54 17.51 11.87
CA ASN A 532 -17.64 16.60 11.64
C ASN A 532 -17.17 15.24 11.12
N GLU A 533 -16.16 14.70 11.78
CA GLU A 533 -15.60 13.41 11.41
C GLU A 533 -16.56 12.29 11.80
N PRO A 534 -16.79 11.33 10.89
CA PRO A 534 -17.69 10.21 11.17
C PRO A 534 -17.07 9.22 12.16
#